data_8TW0
#
_entry.id   8TW0
#
_cell.length_a   27.706
_cell.length_b   27.876
_cell.length_c   28.396
_cell.angle_alpha   109.42
_cell.angle_beta   111.80
_cell.angle_gamma   95.73
#
_symmetry.space_group_name_H-M   'P 1'
#
loop_
_entity.id
_entity.type
_entity.pdbx_description
1 polymer 'Collagen Mimetic Peptide A'
2 polymer 'Collagen Mimetic Peptide B'
3 polymer 'Collagen Mimetic Peptide C'
4 non-polymer 'SULFATE ION'
5 water water
#
loop_
_entity_poly.entity_id
_entity_poly.type
_entity_poly.pdbx_seq_one_letter_code
_entity_poly.pdbx_strand_id
1 'polypeptide(L)' (ACE)PKGR(HYP)GPKGF(HYP)GY(HYP)GPRGR(HYP)GKKGPRGP(HYP)G(NH2) A
2 'polypeptide(L)' (ACE)SKGD(HYP)GP(HYP)GDRGPKGP(HYP)GYKGP(HYP)GDKGFRG(NH2) B
3 'polypeptide(L)' (ACE)PDGDRGPRGP(HYP)GY(HYP)GDDGPEGD(HYP)GPPGD(HYP)G(NH2) C
#
# COMPACT_ATOMS: atom_id res chain seq x y z
N PRO A 2 23.27 -37.81 -0.43
CA PRO A 2 23.43 -36.58 0.36
C PRO A 2 22.22 -35.67 0.33
N LYS A 3 22.02 -34.96 1.44
CA LYS A 3 20.93 -34.01 1.56
C LYS A 3 21.20 -32.76 0.74
N GLY A 4 20.18 -32.28 0.03
CA GLY A 4 20.32 -31.09 -0.78
C GLY A 4 20.33 -29.84 0.07
N ARG A 5 20.54 -28.71 -0.60
CA ARG A 5 20.58 -27.41 0.07
C ARG A 5 19.19 -26.92 0.42
N GLY A 7 15.92 -24.73 0.35
CA GLY A 7 15.23 -24.13 -0.77
C GLY A 7 15.37 -22.63 -0.80
N PRO A 8 14.93 -22.02 -1.88
CA PRO A 8 15.05 -20.56 -2.00
C PRO A 8 14.09 -19.83 -1.08
N LYS A 9 14.42 -18.56 -0.84
CA LYS A 9 13.58 -17.71 -0.02
C LYS A 9 12.23 -17.51 -0.68
N GLY A 10 11.18 -17.44 0.15
CA GLY A 10 9.85 -17.23 -0.38
C GLY A 10 9.71 -15.90 -1.09
N PHE A 11 8.66 -15.80 -1.88
CA PHE A 11 8.35 -14.55 -2.58
C PHE A 11 7.84 -13.52 -1.58
N GLY A 13 5.35 -10.83 0.15
CA GLY A 13 3.91 -10.85 0.35
C GLY A 13 3.21 -9.82 -0.50
N TYR A 14 1.89 -9.76 -0.39
CA TYR A 14 1.10 -8.82 -1.16
C TYR A 14 1.44 -7.40 -0.81
N GLY A 16 0.60 -3.82 0.54
CA GLY A 16 -0.29 -3.46 1.61
C GLY A 16 -1.57 -2.77 1.13
N PRO A 17 -2.54 -2.64 2.03
CA PRO A 17 -3.76 -1.90 1.68
C PRO A 17 -3.44 -0.48 1.30
N ARG A 18 -4.26 0.08 0.42
CA ARG A 18 -4.10 1.47 0.04
C ARG A 18 -4.37 2.35 1.26
N GLY A 19 -3.70 3.50 1.30
CA GLY A 19 -3.93 4.43 2.38
C GLY A 19 -5.33 5.02 2.33
N ARG A 20 -5.68 5.75 3.39
CA ARG A 20 -6.96 6.43 3.46
C ARG A 20 -7.07 7.42 2.33
N GLY A 22 -7.42 10.92 0.60
CA GLY A 22 -6.83 12.18 1.01
C GLY A 22 -7.81 13.05 1.76
N LYS A 23 -7.25 13.97 2.53
CA LYS A 23 -8.03 14.99 3.22
C LYS A 23 -8.89 15.77 2.24
N LYS A 24 -10.09 16.15 2.69
CA LYS A 24 -10.94 17.07 1.95
C LYS A 24 -10.17 18.35 1.63
N GLY A 25 -10.45 18.93 0.47
CA GLY A 25 -9.70 20.07 0.00
C GLY A 25 -9.95 21.32 0.81
N PRO A 26 -9.12 22.34 0.63
CA PRO A 26 -9.36 23.62 1.30
C PRO A 26 -10.68 24.24 0.87
N ARG A 27 -11.28 24.98 1.79
CA ARG A 27 -12.48 25.74 1.48
C ARG A 27 -12.20 26.74 0.37
N GLY A 28 -13.19 26.91 -0.51
CA GLY A 28 -13.06 27.80 -1.64
C GLY A 28 -13.09 29.26 -1.26
N PRO A 29 -12.86 30.16 -2.24
CA PRO A 29 -12.80 31.58 -1.92
C PRO A 29 -14.16 32.18 -1.68
N GLY A 31 -17.39 34.56 -2.14
CA GLY A 31 -18.13 34.84 -3.37
C GLY A 31 -17.74 36.21 -3.94
N SER B 2 19.02 -36.72 -1.62
CA SER B 2 17.70 -36.47 -1.05
CA SER B 2 17.70 -36.47 -1.05
C SER B 2 17.38 -34.95 -1.05
N LYS B 3 16.08 -34.64 -1.01
CA LYS B 3 15.60 -33.25 -1.10
C LYS B 3 15.96 -32.44 0.14
N GLY B 4 16.37 -31.18 -0.09
CA GLY B 4 16.76 -30.30 0.99
C GLY B 4 15.58 -29.80 1.81
N ASP B 5 15.90 -29.05 2.85
CA ASP B 5 14.90 -28.48 3.74
C ASP B 5 14.26 -27.23 3.12
N GLY B 7 13.06 -23.47 2.28
CA GLY B 7 13.71 -22.17 2.33
C GLY B 7 13.05 -21.26 3.34
N PRO B 8 13.67 -20.12 3.62
CA PRO B 8 13.12 -19.16 4.60
C PRO B 8 11.90 -18.41 4.06
N GLY B 10 9.50 -15.44 2.81
CA GLY B 10 9.72 -14.24 2.05
C GLY B 10 9.55 -12.99 2.89
N ASP B 11 10.00 -11.86 2.35
CA ASP B 11 9.83 -10.57 3.01
C ASP B 11 8.36 -10.17 3.07
N ARG B 12 8.03 -9.36 4.06
CA ARG B 12 6.74 -8.68 4.05
C ARG B 12 6.60 -7.91 2.76
N GLY B 13 5.37 -7.83 2.25
CA GLY B 13 5.12 -7.15 1.00
C GLY B 13 5.39 -5.66 1.09
N PRO B 14 5.43 -5.00 -0.06
CA PRO B 14 5.65 -3.55 -0.08
C PRO B 14 4.55 -2.81 0.66
N LYS B 15 4.91 -1.62 1.17
CA LYS B 15 3.93 -0.71 1.71
C LYS B 15 2.88 -0.37 0.66
N GLY B 16 1.63 -0.25 1.09
CA GLY B 16 0.54 -0.01 0.17
C GLY B 16 0.69 1.32 -0.55
N PRO B 17 -0.07 1.50 -1.64
CA PRO B 17 -0.03 2.75 -2.40
C PRO B 17 -0.69 3.89 -1.66
N GLY B 19 -3.27 6.75 -0.72
CA GLY B 19 -4.70 6.81 -0.85
C GLY B 19 -5.14 7.57 -2.09
N TYR B 20 -6.38 7.35 -2.51
CA TYR B 20 -6.94 8.11 -3.59
C TYR B 20 -7.08 9.59 -3.19
N LYS B 21 -7.12 10.44 -4.20
CA LYS B 21 -7.26 11.88 -3.95
C LYS B 21 -8.54 12.15 -3.18
N GLY B 22 -8.46 13.09 -2.25
CA GLY B 22 -9.56 13.42 -1.38
C GLY B 22 -10.66 14.16 -2.09
N PRO B 23 -11.80 14.36 -1.41
CA PRO B 23 -12.94 15.06 -1.97
C PRO B 23 -12.72 16.57 -2.07
N GLY B 25 -13.00 20.52 -1.60
CA GLY B 25 -13.24 21.35 -0.44
C GLY B 25 -14.63 21.97 -0.41
N ASP B 26 -14.99 22.52 0.73
CA ASP B 26 -16.29 23.17 0.87
C ASP B 26 -16.37 24.43 0.03
N LYS B 27 -17.59 24.78 -0.36
CA LYS B 27 -17.87 26.05 -0.98
C LYS B 27 -17.49 27.19 -0.04
N GLY B 28 -16.96 28.27 -0.62
CA GLY B 28 -16.50 29.39 0.18
C GLY B 28 -17.64 30.15 0.84
N PHE B 29 -17.24 31.09 1.71
CA PHE B 29 -18.20 31.94 2.41
C PHE B 29 -18.88 32.90 1.45
N ARG B 30 -20.17 33.12 1.66
CA ARG B 30 -20.89 34.13 0.89
C ARG B 30 -20.52 35.52 1.42
N PRO C 2 18.94 -32.35 -4.52
CA PRO C 2 18.18 -31.19 -5.00
C PRO C 2 17.79 -30.20 -3.91
N ASP C 3 17.57 -28.95 -4.33
CA ASP C 3 17.11 -27.90 -3.42
C ASP C 3 15.80 -28.29 -2.75
N GLY C 4 15.60 -27.81 -1.53
CA GLY C 4 14.31 -27.95 -0.88
C GLY C 4 13.28 -27.02 -1.50
N ASP C 5 12.05 -27.13 -0.99
CA ASP C 5 10.97 -26.27 -1.44
C ASP C 5 11.30 -24.81 -1.19
N ARG C 6 10.76 -23.94 -2.05
CA ARG C 6 10.77 -22.52 -1.75
C ARG C 6 9.97 -22.25 -0.47
N GLY C 7 10.43 -21.27 0.31
CA GLY C 7 9.80 -20.93 1.56
C GLY C 7 8.44 -20.29 1.37
N PRO C 8 7.71 -20.13 2.48
CA PRO C 8 6.40 -19.48 2.38
C PRO C 8 6.52 -18.04 1.92
N ARG C 9 5.45 -17.55 1.27
CA ARG C 9 5.36 -16.13 0.96
C ARG C 9 5.37 -15.31 2.24
N GLY C 10 5.91 -14.10 2.13
CA GLY C 10 5.89 -13.18 3.24
C GLY C 10 4.49 -12.67 3.53
N PRO C 11 4.31 -12.05 4.69
CA PRO C 11 2.99 -11.51 5.06
C PRO C 11 2.62 -10.27 4.23
N GLY C 13 1.84 -6.48 3.07
CA GLY C 13 2.40 -5.17 3.38
C GLY C 13 1.52 -4.34 4.31
N TYR C 14 2.12 -3.29 4.85
CA TYR C 14 1.41 -2.39 5.74
C TYR C 14 0.72 -1.29 4.93
N GLY C 16 -0.78 2.10 3.15
CA GLY C 16 -0.17 3.23 2.48
C GLY C 16 -0.47 4.55 3.14
N ASP C 17 0.13 5.62 2.62
CA ASP C 17 -0.08 6.96 3.16
C ASP C 17 -1.48 7.48 2.86
N ASP C 18 -1.96 8.39 3.71
CA ASP C 18 -3.11 9.22 3.35
C ASP C 18 -2.88 9.86 1.98
N GLY C 19 -3.93 9.93 1.18
CA GLY C 19 -3.81 10.30 -0.21
C GLY C 19 -3.61 11.78 -0.42
N PRO C 20 -3.44 12.16 -1.68
CA PRO C 20 -3.34 13.59 -2.02
C PRO C 20 -4.55 14.38 -1.56
N GLU C 21 -4.29 15.61 -1.14
CA GLU C 21 -5.35 16.50 -0.71
C GLU C 21 -6.34 16.77 -1.84
N GLY C 22 -7.61 16.91 -1.47
CA GLY C 22 -8.62 17.25 -2.45
C GLY C 22 -8.42 18.65 -3.03
N ASP C 23 -9.14 18.90 -4.12
CA ASP C 23 -9.14 20.21 -4.76
C ASP C 23 -9.75 21.27 -3.85
N GLY C 25 -12.31 24.07 -2.88
CA GLY C 25 -13.74 24.13 -3.13
C GLY C 25 -14.14 25.26 -4.05
N PRO C 26 -15.41 25.28 -4.46
CA PRO C 26 -15.91 26.36 -5.31
C PRO C 26 -16.01 27.66 -4.54
N PRO C 27 -16.05 28.80 -5.23
CA PRO C 27 -16.26 30.06 -4.53
C PRO C 27 -17.66 30.12 -3.95
N GLY C 28 -17.83 30.96 -2.94
CA GLY C 28 -19.16 31.26 -2.47
C GLY C 28 -20.00 31.86 -3.60
N ASP C 29 -21.31 31.73 -3.46
CA ASP C 29 -22.20 32.28 -4.47
C ASP C 29 -21.97 33.77 -4.58
N GLY C 31 -22.41 37.68 -4.62
CA GLY C 31 -23.23 38.52 -3.77
#